data_7GVI
#
_entry.id   7GVI
#
_cell.length_a   67.590
_cell.length_b   67.590
_cell.length_c   166.280
_cell.angle_alpha   90.000
_cell.angle_beta   90.000
_cell.angle_gamma   120.000
#
_symmetry.space_group_name_H-M   'P 61 2 2'
#
loop_
_entity.id
_entity.type
_entity.pdbx_description
1 polymer 'B-cell lymphoma 6 protein'
2 polymer 'WVIP tetrapeptide'
3 non-polymer 5-[(5,6-dichloropyrimidin-4-yl)amino]-1,3-dihydro-2H-indol-2-one
4 non-polymer 'CHLORIDE ION'
5 non-polymer 'DIMETHYL SULFOXIDE'
6 water water
#
loop_
_entity_poly.entity_id
_entity_poly.type
_entity_poly.pdbx_seq_one_letter_code
_entity_poly.pdbx_strand_id
1 'polypeptide(L)'
;GPGADSCIQFTRHASDVLLNLNRLRSRDILTDVVIVVSREQFRAHKTVLMACSGLFYSIFTDQLKCNLSVINLDPEINPE
GFCILLDFMYTSRLNLREGNIMAVMATAMYLQMEHVVDTCRKFIKASE
;
A
2 'polypeptide(L)' (ACE)WVIPA D
#
loop_
_chem_comp.id
_chem_comp.type
_chem_comp.name
_chem_comp.formula
A1ACL non-polymer 5-[(5,6-dichloropyrimidin-4-yl)amino]-1,3-dihydro-2H-indol-2-one 'C12 H8 Cl2 N4 O'
ACE non-polymer 'ACETYL GROUP' 'C2 H4 O'
CL non-polymer 'CHLORIDE ION' 'Cl -1'
DMS non-polymer 'DIMETHYL SULFOXIDE' 'C2 H6 O S'
#
# COMPACT_ATOMS: atom_id res chain seq x y z
N ASP A 5 5.79 27.19 -13.18
CA ASP A 5 7.06 27.01 -13.89
C ASP A 5 6.85 26.69 -15.40
N SER A 6 7.94 26.40 -16.11
CA SER A 6 7.92 26.04 -17.54
C SER A 6 8.41 24.58 -17.74
N CYS A 7 8.18 23.70 -16.75
CA CYS A 7 8.56 22.30 -16.80
C CYS A 7 7.81 21.50 -17.90
N ILE A 8 8.41 20.40 -18.36
CA ILE A 8 7.73 19.40 -19.21
C ILE A 8 7.49 18.24 -18.27
N GLN A 9 6.54 17.36 -18.59
N GLN A 9 6.49 17.42 -18.54
CA GLN A 9 6.19 16.24 -17.73
CA GLN A 9 6.13 16.32 -17.66
C GLN A 9 6.18 14.93 -18.50
C GLN A 9 6.15 15.00 -18.41
N PHE A 10 6.78 13.89 -17.90
N PHE A 10 6.65 13.96 -17.76
CA PHE A 10 6.77 12.54 -18.49
CA PHE A 10 6.71 12.62 -18.32
C PHE A 10 5.60 11.80 -17.87
C PHE A 10 5.53 11.87 -17.77
N THR A 11 4.53 11.63 -18.65
CA THR A 11 3.27 11.00 -18.23
C THR A 11 3.42 9.65 -17.49
N ARG A 12 4.24 8.73 -18.02
N ARG A 12 4.25 8.74 -18.02
CA ARG A 12 4.44 7.39 -17.46
CA ARG A 12 4.41 7.40 -17.44
C ARG A 12 5.40 7.31 -16.27
C ARG A 12 5.43 7.30 -16.29
N HIS A 13 6.09 8.42 -15.91
CA HIS A 13 7.12 8.40 -14.86
C HIS A 13 6.66 7.82 -13.52
N ALA A 14 5.52 8.30 -12.95
CA ALA A 14 5.05 7.78 -11.63
C ALA A 14 4.78 6.29 -11.65
N SER A 15 4.12 5.78 -12.72
N SER A 15 4.13 5.80 -12.72
N SER A 15 4.13 5.80 -12.71
CA SER A 15 3.80 4.37 -12.88
CA SER A 15 3.81 4.38 -12.91
CA SER A 15 3.79 4.39 -12.92
C SER A 15 5.07 3.52 -13.03
C SER A 15 5.08 3.54 -13.02
C SER A 15 5.07 3.54 -13.03
N ASP A 16 6.08 4.04 -13.77
CA ASP A 16 7.40 3.37 -13.97
C ASP A 16 8.13 3.29 -12.63
N VAL A 17 8.08 4.39 -11.84
CA VAL A 17 8.70 4.35 -10.49
C VAL A 17 8.03 3.28 -9.65
N LEU A 18 6.71 3.27 -9.64
CA LEU A 18 6.00 2.29 -8.78
C LEU A 18 6.27 0.84 -9.22
N LEU A 19 6.34 0.61 -10.53
CA LEU A 19 6.67 -0.70 -11.10
C LEU A 19 8.04 -1.16 -10.59
N ASN A 20 9.06 -0.26 -10.61
CA ASN A 20 10.40 -0.60 -10.12
C ASN A 20 10.44 -0.79 -8.62
N LEU A 21 9.66 -0.03 -7.86
CA LEU A 21 9.58 -0.24 -6.40
C LEU A 21 8.99 -1.63 -6.14
N ASN A 22 7.99 -2.04 -6.94
CA ASN A 22 7.43 -3.40 -6.75
C ASN A 22 8.46 -4.49 -7.11
N ARG A 23 9.27 -4.27 -8.16
CA ARG A 23 10.34 -5.23 -8.55
C ARG A 23 11.37 -5.37 -7.42
N LEU A 24 11.73 -4.25 -6.75
CA LEU A 24 12.64 -4.29 -5.61
C LEU A 24 11.98 -5.07 -4.46
N ARG A 25 10.68 -4.84 -4.21
CA ARG A 25 9.98 -5.60 -3.16
C ARG A 25 9.99 -7.12 -3.46
N SER A 26 9.68 -7.51 -4.71
N SER A 26 9.70 -7.50 -4.72
N SER A 26 9.69 -7.50 -4.71
CA SER A 26 9.65 -8.92 -5.10
CA SER A 26 9.68 -8.89 -5.20
CA SER A 26 9.65 -8.90 -5.15
C SER A 26 11.01 -9.61 -4.95
C SER A 26 11.01 -9.60 -4.96
C SER A 26 11.00 -9.61 -4.99
N ARG A 27 12.12 -8.87 -5.14
CA ARG A 27 13.48 -9.41 -5.00
C ARG A 27 14.06 -9.15 -3.61
N ASP A 28 13.23 -8.60 -2.71
CA ASP A 28 13.59 -8.28 -1.33
C ASP A 28 14.79 -7.29 -1.24
N ILE A 29 14.83 -6.31 -2.15
CA ILE A 29 15.95 -5.35 -2.17
C ILE A 29 15.60 -4.09 -1.38
N LEU A 30 16.44 -3.77 -0.40
N LEU A 30 16.44 -3.74 -0.41
CA LEU A 30 16.36 -2.59 0.47
CA LEU A 30 16.33 -2.53 0.43
C LEU A 30 15.02 -2.47 1.24
C LEU A 30 15.03 -2.46 1.26
N THR A 31 14.35 -3.61 1.45
CA THR A 31 13.15 -3.68 2.30
C THR A 31 13.71 -3.47 3.73
N ASP A 32 13.07 -2.64 4.52
CA ASP A 32 13.57 -2.25 5.84
C ASP A 32 12.60 -2.49 6.97
N VAL A 33 11.54 -3.26 6.70
CA VAL A 33 10.55 -3.60 7.72
C VAL A 33 9.81 -4.88 7.38
N VAL A 34 9.39 -5.60 8.44
N VAL A 34 9.41 -5.61 8.42
CA VAL A 34 8.56 -6.79 8.39
CA VAL A 34 8.54 -6.77 8.29
C VAL A 34 7.24 -6.39 9.07
C VAL A 34 7.25 -6.47 9.07
N ILE A 35 6.12 -6.61 8.39
CA ILE A 35 4.80 -6.36 8.96
C ILE A 35 4.27 -7.72 9.34
N VAL A 36 3.97 -7.91 10.63
CA VAL A 36 3.48 -9.19 11.16
C VAL A 36 1.97 -9.09 11.34
N VAL A 37 1.26 -10.01 10.67
CA VAL A 37 -0.19 -10.07 10.66
C VAL A 37 -0.52 -11.50 11.06
N SER A 38 -0.68 -11.69 12.38
CA SER A 38 -0.91 -12.97 13.05
C SER A 38 0.25 -13.93 12.73
N ARG A 39 0.00 -15.04 12.05
CA ARG A 39 1.11 -15.96 11.74
C ARG A 39 1.90 -15.55 10.47
N GLU A 40 1.46 -14.49 9.77
CA GLU A 40 2.07 -14.13 8.49
C GLU A 40 2.98 -12.92 8.56
N GLN A 41 4.04 -12.93 7.74
CA GLN A 41 5.04 -11.87 7.69
C GLN A 41 5.12 -11.30 6.29
N PHE A 42 5.19 -9.98 6.18
CA PHE A 42 5.26 -9.30 4.88
C PHE A 42 6.38 -8.29 4.92
N ARG A 43 7.36 -8.43 4.02
CA ARG A 43 8.49 -7.51 3.93
C ARG A 43 8.11 -6.34 3.03
N ALA A 44 8.53 -5.12 3.38
CA ALA A 44 8.18 -3.95 2.57
C ALA A 44 9.16 -2.79 2.80
N HIS A 45 8.96 -1.69 2.06
CA HIS A 45 9.73 -0.47 2.24
C HIS A 45 8.87 0.47 3.10
N LYS A 46 9.41 0.94 4.22
CA LYS A 46 8.73 1.90 5.10
C LYS A 46 8.20 3.13 4.32
N THR A 47 9.01 3.68 3.39
CA THR A 47 8.58 4.86 2.61
C THR A 47 7.32 4.63 1.78
N VAL A 48 7.20 3.46 1.13
CA VAL A 48 6.02 3.14 0.33
C VAL A 48 4.78 2.97 1.24
N LEU A 49 4.96 2.27 2.38
CA LEU A 49 3.86 2.06 3.33
C LEU A 49 3.35 3.41 3.80
N MET A 50 4.26 4.33 4.18
CA MET A 50 3.87 5.68 4.63
C MET A 50 3.18 6.45 3.51
N ALA A 51 3.68 6.32 2.27
CA ALA A 51 3.11 7.02 1.11
C ALA A 51 1.68 6.56 0.78
N CYS A 52 1.27 5.37 1.26
CA CYS A 52 -0.03 4.78 0.94
C CYS A 52 -1.01 4.70 2.07
N SER A 53 -0.54 4.82 3.31
CA SER A 53 -1.40 4.54 4.47
C SER A 53 -1.22 5.58 5.56
N GLY A 54 -2.33 6.13 6.03
CA GLY A 54 -2.34 7.08 7.14
C GLY A 54 -1.82 6.44 8.42
N LEU A 55 -2.10 5.14 8.63
CA LEU A 55 -1.60 4.43 9.81
C LEU A 55 -0.07 4.31 9.76
N PHE A 56 0.49 3.83 8.63
CA PHE A 56 1.96 3.71 8.53
C PHE A 56 2.65 5.06 8.55
N TYR A 57 2.02 6.10 7.97
CA TYR A 57 2.58 7.45 8.02
C TYR A 57 2.75 7.90 9.49
N SER A 58 1.73 7.66 10.34
N SER A 58 1.73 7.64 10.33
CA SER A 58 1.78 8.00 11.77
CA SER A 58 1.73 7.98 11.76
C SER A 58 2.85 7.19 12.50
C SER A 58 2.82 7.19 12.51
N ILE A 59 2.92 5.87 12.24
CA ILE A 59 3.88 4.95 12.86
C ILE A 59 5.34 5.33 12.56
N PHE A 60 5.67 5.52 11.27
CA PHE A 60 7.06 5.74 10.93
C PHE A 60 7.51 7.23 11.05
N THR A 61 6.62 8.14 11.46
CA THR A 61 7.08 9.51 11.76
C THR A 61 7.27 9.63 13.27
N ASP A 62 6.88 8.58 14.01
CA ASP A 62 7.08 8.52 15.46
C ASP A 62 8.56 8.28 15.70
N GLN A 63 9.19 9.11 16.57
CA GLN A 63 10.61 9.09 16.87
C GLN A 63 11.16 7.74 17.38
N LEU A 64 10.32 6.89 18.03
CA LEU A 64 10.76 5.56 18.47
C LEU A 64 10.41 4.48 17.46
N LYS A 65 9.18 4.51 16.91
CA LYS A 65 8.73 3.46 15.98
C LYS A 65 9.42 3.52 14.62
N CYS A 66 9.92 4.71 14.22
CA CYS A 66 10.64 4.87 12.94
C CYS A 66 11.84 3.93 12.82
N ASN A 67 12.42 3.51 13.98
CA ASN A 67 13.60 2.66 14.05
C ASN A 67 13.32 1.16 14.20
N LEU A 68 12.06 0.76 14.33
CA LEU A 68 11.71 -0.65 14.50
C LEU A 68 11.80 -1.39 13.16
N SER A 69 12.28 -2.64 13.18
CA SER A 69 12.41 -3.50 11.99
CA SER A 69 12.39 -3.47 11.96
C SER A 69 11.19 -4.41 11.86
N VAL A 70 10.40 -4.51 12.94
CA VAL A 70 9.20 -5.36 12.99
C VAL A 70 8.04 -4.53 13.56
N ILE A 71 6.87 -4.60 12.88
CA ILE A 71 5.62 -3.95 13.31
C ILE A 71 4.54 -5.03 13.37
N ASN A 72 3.90 -5.18 14.52
CA ASN A 72 2.84 -6.16 14.68
C ASN A 72 1.49 -5.48 14.57
N LEU A 73 0.66 -5.92 13.64
CA LEU A 73 -0.68 -5.34 13.49
C LEU A 73 -1.67 -5.98 14.46
N ASP A 74 -2.80 -5.29 14.68
CA ASP A 74 -3.87 -5.73 15.58
C ASP A 74 -4.29 -7.19 15.22
N PRO A 75 -4.49 -8.09 16.21
CA PRO A 75 -4.85 -9.49 15.87
C PRO A 75 -6.14 -9.69 15.08
N GLU A 76 -7.02 -8.69 15.02
CA GLU A 76 -8.27 -8.79 14.25
C GLU A 76 -8.00 -8.64 12.75
N ILE A 77 -6.79 -8.13 12.37
CA ILE A 77 -6.46 -7.94 10.94
C ILE A 77 -6.22 -9.28 10.25
N ASN A 78 -6.90 -9.44 9.13
CA ASN A 78 -6.84 -10.64 8.29
C ASN A 78 -5.60 -10.58 7.40
N PRO A 79 -4.71 -11.62 7.44
CA PRO A 79 -3.52 -11.59 6.58
C PRO A 79 -3.81 -11.47 5.08
N GLU A 80 -4.88 -12.14 4.58
CA GLU A 80 -5.21 -12.03 3.15
C GLU A 80 -5.61 -10.60 2.78
N GLY A 81 -6.43 -9.95 3.62
CA GLY A 81 -6.83 -8.56 3.42
C GLY A 81 -5.60 -7.68 3.38
N PHE A 82 -4.64 -7.91 4.30
CA PHE A 82 -3.40 -7.12 4.29
C PHE A 82 -2.62 -7.36 3.00
N CYS A 83 -2.48 -8.62 2.59
CA CYS A 83 -1.75 -8.99 1.37
C CYS A 83 -2.30 -8.25 0.12
N ILE A 84 -3.64 -8.27 -0.04
CA ILE A 84 -4.34 -7.59 -1.14
C ILE A 84 -4.02 -6.08 -1.11
N LEU A 85 -4.06 -5.47 0.08
CA LEU A 85 -3.76 -4.04 0.22
C LEU A 85 -2.30 -3.71 -0.02
N LEU A 86 -1.39 -4.60 0.43
CA LEU A 86 0.05 -4.40 0.19
C LEU A 86 0.31 -4.46 -1.31
N ASP A 87 -0.31 -5.43 -2.03
CA ASP A 87 -0.19 -5.52 -3.48
C ASP A 87 -0.72 -4.25 -4.14
N PHE A 88 -1.87 -3.70 -3.66
CA PHE A 88 -2.43 -2.46 -4.20
C PHE A 88 -1.45 -1.28 -4.03
N MET A 89 -0.83 -1.19 -2.84
CA MET A 89 0.11 -0.11 -2.55
C MET A 89 1.21 -0.05 -3.60
N TYR A 90 1.74 -1.22 -3.98
CA TYR A 90 2.84 -1.34 -4.94
C TYR A 90 2.42 -1.44 -6.39
N THR A 91 1.10 -1.52 -6.71
CA THR A 91 0.73 -1.69 -8.14
C THR A 91 -0.39 -0.78 -8.63
N SER A 92 -1.20 -0.20 -7.72
CA SER A 92 -2.44 0.56 -8.04
C SER A 92 -3.61 -0.39 -8.35
N ARG A 93 -3.38 -1.72 -8.36
N ARG A 93 -3.37 -1.71 -8.32
CA ARG A 93 -4.43 -2.70 -8.66
CA ARG A 93 -4.36 -2.74 -8.62
C ARG A 93 -4.95 -3.38 -7.39
C ARG A 93 -4.94 -3.36 -7.34
N LEU A 94 -6.27 -3.35 -7.21
CA LEU A 94 -6.95 -3.92 -6.04
C LEU A 94 -7.74 -5.16 -6.45
N ASN A 95 -7.38 -6.33 -5.86
CA ASN A 95 -8.05 -7.60 -6.14
C ASN A 95 -9.28 -7.74 -5.22
N LEU A 96 -10.34 -6.99 -5.55
CA LEU A 96 -11.56 -6.93 -4.75
C LEU A 96 -12.56 -7.96 -5.26
N ARG A 97 -12.99 -8.87 -4.36
CA ARG A 97 -13.91 -9.97 -4.70
C ARG A 97 -14.97 -10.13 -3.63
N GLU A 98 -16.12 -10.73 -3.98
CA GLU A 98 -17.21 -10.97 -3.02
C GLU A 98 -16.69 -11.66 -1.74
N GLY A 99 -15.78 -12.62 -1.92
CA GLY A 99 -15.20 -13.40 -0.82
C GLY A 99 -14.22 -12.65 0.08
N ASN A 100 -13.64 -11.55 -0.39
CA ASN A 100 -12.66 -10.83 0.42
C ASN A 100 -13.05 -9.38 0.77
N ILE A 101 -14.14 -8.85 0.15
CA ILE A 101 -14.48 -7.41 0.29
C ILE A 101 -14.61 -6.94 1.75
N MET A 102 -15.22 -7.75 2.62
CA MET A 102 -15.38 -7.36 4.01
C MET A 102 -14.04 -7.24 4.72
N ALA A 103 -13.13 -8.21 4.49
CA ALA A 103 -11.77 -8.20 5.10
C ALA A 103 -10.95 -7.04 4.52
N VAL A 104 -11.05 -6.82 3.19
CA VAL A 104 -10.32 -5.72 2.53
C VAL A 104 -10.78 -4.35 3.09
N MET A 105 -12.10 -4.12 3.19
CA MET A 105 -12.61 -2.86 3.73
C MET A 105 -12.18 -2.65 5.18
N ALA A 106 -12.29 -3.69 6.02
CA ALA A 106 -11.88 -3.56 7.43
C ALA A 106 -10.39 -3.24 7.56
N THR A 107 -9.55 -3.88 6.73
CA THR A 107 -8.10 -3.65 6.74
C THR A 107 -7.79 -2.24 6.23
N ALA A 108 -8.50 -1.78 5.18
CA ALA A 108 -8.29 -0.44 4.61
C ALA A 108 -8.69 0.64 5.63
N MET A 109 -9.76 0.40 6.40
CA MET A 109 -10.17 1.33 7.46
C MET A 109 -9.09 1.46 8.54
N TYR A 110 -8.54 0.32 8.99
CA TYR A 110 -7.48 0.25 9.99
C TYR A 110 -6.21 0.92 9.47
N LEU A 111 -5.85 0.66 8.21
CA LEU A 111 -4.65 1.21 7.59
C LEU A 111 -4.83 2.66 7.17
N GLN A 112 -6.07 3.18 7.22
CA GLN A 112 -6.40 4.56 6.80
C GLN A 112 -6.05 4.79 5.32
N MET A 113 -6.67 4.01 4.45
CA MET A 113 -6.49 4.09 2.99
C MET A 113 -7.87 4.46 2.43
N GLU A 114 -8.17 5.76 2.49
CA GLU A 114 -9.50 6.31 2.25
C GLU A 114 -10.10 6.01 0.87
N HIS A 115 -9.30 5.98 -0.19
CA HIS A 115 -9.83 5.66 -1.54
C HIS A 115 -10.28 4.20 -1.65
N VAL A 116 -9.55 3.27 -1.00
CA VAL A 116 -9.94 1.86 -0.93
C VAL A 116 -11.24 1.70 -0.14
N VAL A 117 -11.32 2.35 1.04
CA VAL A 117 -12.53 2.32 1.87
C VAL A 117 -13.76 2.76 1.05
N ASP A 118 -13.70 3.95 0.41
N ASP A 118 -13.59 3.87 0.28
CA ASP A 118 -14.81 4.54 -0.35
CA ASP A 118 -14.61 4.45 -0.60
C ASP A 118 -15.35 3.63 -1.46
C ASP A 118 -15.10 3.45 -1.66
N THR A 119 -14.46 2.89 -2.15
N THR A 119 -14.18 2.78 -2.41
CA THR A 119 -14.83 1.98 -3.23
CA THR A 119 -14.65 1.83 -3.43
C THR A 119 -15.45 0.73 -2.70
C THR A 119 -15.31 0.60 -2.83
N CYS A 120 -14.89 0.16 -1.61
CA CYS A 120 -15.46 -1.01 -0.93
C CYS A 120 -16.87 -0.69 -0.54
N ARG A 121 -17.10 0.51 0.05
CA ARG A 121 -18.42 1.00 0.44
C ARG A 121 -19.39 1.03 -0.73
N LYS A 122 -18.94 1.53 -1.89
CA LYS A 122 -19.73 1.62 -3.12
C LYS A 122 -20.06 0.23 -3.68
N PHE A 123 -19.05 -0.68 -3.72
CA PHE A 123 -19.28 -2.05 -4.18
C PHE A 123 -20.26 -2.80 -3.27
N ILE A 124 -20.17 -2.59 -1.94
CA ILE A 124 -21.10 -3.21 -0.98
C ILE A 124 -22.52 -2.67 -1.15
N LYS A 125 -22.67 -1.33 -1.29
CA LYS A 125 -23.96 -0.66 -1.45
C LYS A 125 -24.70 -1.20 -2.68
N ALA A 126 -23.99 -1.42 -3.80
CA ALA A 126 -24.53 -1.96 -5.04
C ALA A 126 -25.07 -3.38 -4.88
N SER A 127 -24.48 -4.20 -4.00
CA SER A 127 -24.90 -5.58 -3.75
C SER A 127 -26.12 -5.69 -2.82
N GLU A 128 -26.47 -4.60 -2.10
CA GLU A 128 -27.61 -4.53 -1.18
C GLU A 128 -28.90 -4.23 -1.93
C ACE B 1 5.69 11.80 -22.74
O ACE B 1 5.33 11.75 -21.56
CH3 ACE B 1 5.57 10.55 -23.63
N TRP B 2 6.15 12.89 -23.33
N TRP B 2 6.19 12.88 -23.33
CA TRP B 2 6.32 14.16 -22.64
CA TRP B 2 6.31 14.17 -22.63
C TRP B 2 5.19 15.13 -23.02
C TRP B 2 5.13 15.06 -22.99
N VAL B 3 4.68 15.88 -22.04
CA VAL B 3 3.56 16.83 -22.23
C VAL B 3 3.85 18.14 -21.48
N ILE B 4 3.04 19.16 -21.78
CA ILE B 4 3.02 20.43 -21.07
C ILE B 4 1.99 20.15 -19.96
N PRO B 5 2.41 20.09 -18.67
CA PRO B 5 1.44 19.76 -17.61
C PRO B 5 0.44 20.87 -17.32
N ALA B 6 -0.75 20.51 -16.81
C1 A1ACL C . 2.90 11.18 3.55
N1 A1ACL C . -4.46 8.75 4.12
C2 A1ACL C . 1.50 11.05 3.65
N2 A1ACL C . 0.69 12.12 3.76
C3 A1ACL C . -0.37 9.42 3.95
N3 A1ACL C . 2.59 13.57 3.66
C4 A1ACL C . -1.07 10.06 4.98
C5 A1ACL C . -2.43 9.88 5.11
C6 A1ACL C . -3.10 9.06 4.21
C7 A1ACL C . -4.73 7.97 3.04
C8 A1ACL C . -3.42 7.69 2.34
C9 A1ACL C . -2.42 8.43 3.17
C10 A1ACL C . -1.05 8.60 3.05
C11 A1ACL C . 1.29 13.31 3.74
O A1ACL C . -5.84 7.58 2.70
N A1ACL C . 0.93 9.82 3.56
CL1 A1ACL C . 3.97 9.84 3.38
C A1ACL C . 3.37 12.51 3.58
CL A1ACL C . 5.07 12.83 3.64
CL CL D . -6.10 4.45 -0.89
S DMS E . 6.36 19.30 -25.58
O DMS E . 4.90 19.30 -25.59
C1 DMS E . 6.77 18.16 -24.29
C2 DMS E . 6.77 18.26 -26.95
#